data_1EQF
#
_entry.id   1EQF
#
_cell.length_a   48.100
_cell.length_b   58.100
_cell.length_c   101.500
_cell.angle_alpha   90.00
_cell.angle_beta   90.00
_cell.angle_gamma   90.00
#
_symmetry.space_group_name_H-M   'P 21 21 21'
#
loop_
_entity.id
_entity.type
_entity.pdbx_description
1 polymer 'RNA POLYMERASE II TRANSCRIPTION INITIATION FACTOR'
2 non-polymer 'SULFATE ION'
3 water water
#
_entity_poly.entity_id   1
_entity_poly.type   'polypeptide(L)'
_entity_poly.pdbx_seq_one_letter_code
;GTTVHCDYLNRPHKSIHRRRTDPMVTLSSILESIINDMRDLPNTYPFHTPVNAKVVKDYYKIITRPMDLQTLRENVRKRL
YPSREEFREHLELIVKNSATYNGPKHSLTQISQSMLDLCDEKLKEKEDKLARLEKAINPLLDDDDQVAFSFILDNIVTQK
MMAVPDSWPFHHPVNKKFVPDYYKVIVNPMDLETIRKNISKHKYQSRESFLDDVNLILANSVKYNGPESQYTKTAQEIVN
VCYQTLTEYDEHLTQLEKDICTAKEAALEEAELESLDPMT
;
_entity_poly.pdbx_strand_id   A
#
loop_
_chem_comp.id
_chem_comp.type
_chem_comp.name
_chem_comp.formula
SO4 non-polymer 'SULFATE ION' 'O4 S -2'
#
# COMPACT_ATOMS: atom_id res chain seq x y z
N GLY A 1 3.16 -18.90 26.67
CA GLY A 1 3.10 -18.36 25.28
C GLY A 1 4.48 -18.16 24.68
N THR A 2 4.57 -18.36 23.37
CA THR A 2 5.82 -18.20 22.65
C THR A 2 5.55 -17.82 21.20
N THR A 3 6.61 -17.51 20.46
CA THR A 3 6.50 -17.13 19.07
C THR A 3 7.68 -17.65 18.24
N VAL A 4 7.53 -17.64 16.92
CA VAL A 4 8.58 -18.10 16.01
C VAL A 4 9.69 -17.05 15.92
N HIS A 5 10.93 -17.52 15.77
CA HIS A 5 12.08 -16.62 15.68
C HIS A 5 12.69 -16.63 14.27
N CYS A 6 12.91 -15.45 13.70
CA CYS A 6 13.53 -15.33 12.38
C CYS A 6 14.31 -14.02 12.28
N ASP A 7 15.63 -14.14 12.17
CA ASP A 7 16.50 -12.97 12.11
C ASP A 7 16.68 -12.38 10.70
N TYR A 8 16.34 -13.17 9.68
CA TYR A 8 16.51 -12.73 8.30
C TYR A 8 15.38 -11.86 7.76
N LEU A 9 14.25 -11.83 8.45
CA LEU A 9 13.12 -11.02 7.98
C LEU A 9 13.37 -9.52 8.04
N ASN A 10 14.13 -9.07 9.03
CA ASN A 10 14.42 -7.65 9.18
C ASN A 10 15.82 -7.29 8.67
N ARG A 11 16.27 -8.01 7.64
CA ARG A 11 17.58 -7.77 7.05
C ARG A 11 17.49 -7.80 5.53
N PRO A 12 18.24 -6.92 4.85
CA PRO A 12 19.14 -5.91 5.43
C PRO A 12 18.38 -4.75 6.06
N HIS A 13 19.06 -3.94 6.86
CA HIS A 13 18.44 -2.78 7.49
C HIS A 13 18.16 -1.68 6.47
N LYS A 14 17.32 -0.73 6.83
CA LYS A 14 16.99 0.37 5.94
C LYS A 14 18.11 1.40 5.96
N SER A 15 19.22 1.03 6.58
CA SER A 15 20.40 1.88 6.67
C SER A 15 21.36 1.48 5.56
N ILE A 16 20.84 0.72 4.60
CA ILE A 16 21.63 0.27 3.45
C ILE A 16 21.62 1.37 2.40
N HIS A 17 22.44 1.22 1.36
CA HIS A 17 22.53 2.28 0.35
C HIS A 17 22.12 2.02 -1.10
N ARG A 18 22.37 3.07 -1.90
CA ARG A 18 22.04 3.16 -3.32
C ARG A 18 23.11 2.76 -4.33
N ARG A 19 22.99 1.55 -4.88
CA ARG A 19 23.94 1.09 -5.89
C ARG A 19 23.27 1.28 -7.24
N ARG A 20 24.02 1.70 -8.26
CA ARG A 20 23.46 1.93 -9.58
C ARG A 20 22.87 0.66 -10.19
N THR A 21 23.63 -0.42 -10.17
CA THR A 21 23.19 -1.69 -10.74
C THR A 21 22.19 -2.43 -9.84
N ASP A 22 21.87 -1.82 -8.70
CA ASP A 22 20.92 -2.41 -7.76
C ASP A 22 19.60 -2.60 -8.49
N PRO A 23 18.96 -3.77 -8.31
CA PRO A 23 17.68 -4.05 -8.96
C PRO A 23 16.63 -2.94 -8.74
N MET A 24 16.51 -2.49 -7.49
CA MET A 24 15.55 -1.44 -7.14
C MET A 24 15.79 -0.19 -7.99
N VAL A 25 17.06 0.13 -8.23
CA VAL A 25 17.41 1.30 -9.03
C VAL A 25 17.03 1.10 -10.49
N THR A 26 17.43 -0.03 -11.05
CA THR A 26 17.13 -0.33 -12.44
C THR A 26 15.63 -0.19 -12.71
N LEU A 27 14.83 -0.64 -11.75
CA LEU A 27 13.37 -0.57 -11.85
C LEU A 27 12.93 0.90 -11.84
N SER A 28 13.52 1.67 -10.92
CA SER A 28 13.17 3.07 -10.82
C SER A 28 13.37 3.79 -12.15
N SER A 29 14.32 3.30 -12.93
CA SER A 29 14.60 3.90 -14.22
C SER A 29 13.50 3.64 -15.23
N ILE A 30 13.06 2.39 -15.29
CA ILE A 30 11.98 2.04 -16.22
C ILE A 30 10.71 2.80 -15.86
N LEU A 31 10.44 2.88 -14.56
CA LEU A 31 9.26 3.58 -14.08
C LEU A 31 9.33 5.08 -14.36
N GLU A 32 10.48 5.68 -14.08
CA GLU A 32 10.64 7.10 -14.34
C GLU A 32 10.47 7.38 -15.83
N SER A 33 10.92 6.45 -16.66
CA SER A 33 10.80 6.60 -18.10
C SER A 33 9.32 6.65 -18.49
N ILE A 34 8.53 5.79 -17.88
CA ILE A 34 7.10 5.74 -18.16
C ILE A 34 6.49 7.08 -17.73
N ILE A 35 7.02 7.67 -16.66
CA ILE A 35 6.53 8.95 -16.19
C ILE A 35 6.78 10.03 -17.24
N ASN A 36 7.92 9.96 -17.92
CA ASN A 36 8.23 10.94 -18.93
C ASN A 36 7.28 10.78 -20.12
N ASP A 37 6.84 9.55 -20.35
CA ASP A 37 5.93 9.28 -21.46
C ASP A 37 4.54 9.82 -21.15
N MET A 38 4.10 9.67 -19.91
CA MET A 38 2.78 10.16 -19.55
C MET A 38 2.79 11.69 -19.50
N ARG A 39 3.89 12.27 -19.06
CA ARG A 39 4.01 13.72 -19.00
C ARG A 39 3.99 14.33 -20.42
N ASP A 40 4.52 13.59 -21.41
CA ASP A 40 4.56 14.05 -22.81
C ASP A 40 3.23 13.98 -23.53
N LEU A 41 2.25 13.33 -22.91
CA LEU A 41 0.92 13.23 -23.50
C LEU A 41 0.25 14.61 -23.50
N PRO A 42 -0.44 14.95 -24.60
CA PRO A 42 -1.11 16.24 -24.70
C PRO A 42 -2.08 16.55 -23.57
N ASN A 43 -2.12 17.83 -23.20
CA ASN A 43 -3.01 18.34 -22.16
C ASN A 43 -2.94 17.75 -20.77
N THR A 44 -1.81 17.15 -20.42
CA THR A 44 -1.65 16.54 -19.09
C THR A 44 -1.04 17.46 -18.06
N TYR A 45 -0.62 18.65 -18.47
CA TYR A 45 0.05 19.57 -17.55
C TYR A 45 -0.65 19.78 -16.19
N PRO A 46 -1.98 19.65 -16.13
CA PRO A 46 -2.59 19.85 -14.81
C PRO A 46 -2.16 18.78 -13.80
N PHE A 47 -1.72 17.64 -14.30
CA PHE A 47 -1.30 16.54 -13.44
C PHE A 47 0.21 16.44 -13.22
N HIS A 48 0.97 17.32 -13.87
CA HIS A 48 2.42 17.30 -13.75
C HIS A 48 2.92 17.69 -12.37
N THR A 49 2.18 18.57 -11.69
CA THR A 49 2.55 19.03 -10.37
C THR A 49 1.36 19.07 -9.43
N PRO A 50 1.60 19.17 -8.11
CA PRO A 50 0.54 19.21 -7.11
C PRO A 50 -0.41 20.38 -7.34
N VAL A 51 -1.67 20.23 -6.93
CA VAL A 51 -2.62 21.31 -7.09
C VAL A 51 -2.15 22.46 -6.20
N ASN A 52 -2.31 23.67 -6.70
CA ASN A 52 -1.90 24.86 -5.97
C ASN A 52 -3.06 25.28 -5.06
N ALA A 53 -2.91 25.05 -3.76
CA ALA A 53 -3.93 25.38 -2.78
C ALA A 53 -4.34 26.85 -2.83
N LYS A 54 -3.45 27.69 -3.35
CA LYS A 54 -3.73 29.11 -3.47
C LYS A 54 -4.72 29.37 -4.59
N VAL A 55 -4.71 28.50 -5.59
CA VAL A 55 -5.61 28.64 -6.74
C VAL A 55 -6.91 27.88 -6.51
N VAL A 56 -6.78 26.66 -5.99
CA VAL A 56 -7.92 25.80 -5.70
C VAL A 56 -7.93 25.65 -4.18
N LYS A 57 -8.52 26.64 -3.50
CA LYS A 57 -8.55 26.69 -2.05
C LYS A 57 -9.27 25.57 -1.30
N ASP A 58 -10.02 24.74 -2.02
CA ASP A 58 -10.75 23.66 -1.34
C ASP A 58 -10.26 22.28 -1.73
N TYR A 59 -9.29 22.20 -2.64
CA TYR A 59 -8.79 20.91 -3.11
C TYR A 59 -8.30 19.97 -2.03
N TYR A 60 -7.39 20.45 -1.21
CA TYR A 60 -6.82 19.61 -0.15
C TYR A 60 -7.76 19.40 1.03
N LYS A 61 -9.00 19.86 0.88
CA LYS A 61 -9.99 19.68 1.93
C LYS A 61 -10.91 18.56 1.47
N ILE A 62 -10.93 18.32 0.17
CA ILE A 62 -11.79 17.30 -0.42
C ILE A 62 -11.03 16.02 -0.80
N ILE A 63 -9.75 16.16 -1.12
CA ILE A 63 -8.92 15.02 -1.54
C ILE A 63 -8.08 14.43 -0.41
N THR A 64 -8.33 13.18 -0.07
CA THR A 64 -7.61 12.49 1.01
C THR A 64 -6.14 12.22 0.70
N ARG A 65 -5.87 11.56 -0.42
CA ARG A 65 -4.50 11.22 -0.79
C ARG A 65 -4.12 11.86 -2.13
N PRO A 66 -3.60 13.09 -2.10
CA PRO A 66 -3.21 13.81 -3.32
C PRO A 66 -2.03 13.14 -4.04
N MET A 67 -2.01 13.21 -5.37
CA MET A 67 -0.91 12.65 -6.14
C MET A 67 -0.74 13.40 -7.47
N ASP A 68 0.49 13.45 -7.96
CA ASP A 68 0.79 14.09 -9.22
C ASP A 68 2.03 13.44 -9.79
N LEU A 69 2.36 13.75 -11.04
CA LEU A 69 3.54 13.14 -11.66
C LEU A 69 4.84 13.55 -11.00
N GLN A 70 4.87 14.77 -10.45
CA GLN A 70 6.08 15.25 -9.78
C GLN A 70 6.30 14.47 -8.50
N THR A 71 5.24 14.34 -7.72
CA THR A 71 5.34 13.60 -6.47
C THR A 71 5.60 12.13 -6.79
N LEU A 72 5.04 11.66 -7.89
CA LEU A 72 5.23 10.29 -8.31
C LEU A 72 6.69 10.05 -8.67
N ARG A 73 7.29 10.99 -9.38
CA ARG A 73 8.69 10.87 -9.77
C ARG A 73 9.59 10.93 -8.54
N GLU A 74 9.25 11.79 -7.59
CA GLU A 74 10.04 11.90 -6.37
C GLU A 74 10.07 10.55 -5.64
N ASN A 75 8.90 9.91 -5.51
CA ASN A 75 8.82 8.62 -4.85
C ASN A 75 9.66 7.57 -5.57
N VAL A 76 9.62 7.58 -6.89
CA VAL A 76 10.39 6.62 -7.67
C VAL A 76 11.88 6.79 -7.37
N ARG A 77 12.34 8.02 -7.33
CA ARG A 77 13.75 8.31 -7.06
C ARG A 77 14.16 7.82 -5.67
N LYS A 78 13.25 7.91 -4.71
CA LYS A 78 13.54 7.46 -3.37
C LYS A 78 13.36 5.95 -3.26
N ARG A 79 13.21 5.30 -4.40
CA ARG A 79 13.03 3.85 -4.46
C ARG A 79 11.95 3.37 -3.50
N LEU A 80 10.77 3.95 -3.63
CA LEU A 80 9.65 3.60 -2.77
C LEU A 80 8.81 2.48 -3.40
N TYR A 81 9.07 2.18 -4.66
CA TYR A 81 8.30 1.15 -5.37
C TYR A 81 9.11 -0.09 -5.70
N PRO A 82 8.86 -1.20 -4.98
CA PRO A 82 9.55 -2.49 -5.17
C PRO A 82 9.08 -3.21 -6.43
N SER A 83 7.96 -2.75 -6.99
CA SER A 83 7.41 -3.37 -8.18
C SER A 83 6.45 -2.44 -8.90
N ARG A 84 6.00 -2.88 -10.06
CA ARG A 84 5.08 -2.08 -10.84
C ARG A 84 3.77 -1.90 -10.08
N GLU A 85 3.40 -2.87 -9.25
CA GLU A 85 2.17 -2.78 -8.47
C GLU A 85 2.10 -1.54 -7.60
N GLU A 86 3.08 -1.37 -6.71
CA GLU A 86 3.08 -0.19 -5.85
C GLU A 86 3.05 1.09 -6.68
N PHE A 87 3.74 1.07 -7.81
CA PHE A 87 3.82 2.22 -8.72
C PHE A 87 2.47 2.55 -9.33
N ARG A 88 1.85 1.56 -9.95
CA ARG A 88 0.57 1.76 -10.59
C ARG A 88 -0.49 2.22 -9.59
N GLU A 89 -0.41 1.70 -8.37
CA GLU A 89 -1.38 2.06 -7.34
C GLU A 89 -1.37 3.56 -7.07
N HIS A 90 -0.17 4.14 -6.97
CA HIS A 90 -0.05 5.58 -6.75
C HIS A 90 -0.49 6.36 -8.00
N LEU A 91 -0.12 5.85 -9.17
CA LEU A 91 -0.49 6.51 -10.41
C LEU A 91 -2.00 6.63 -10.57
N GLU A 92 -2.73 5.54 -10.36
CA GLU A 92 -4.19 5.57 -10.50
C GLU A 92 -4.85 6.53 -9.52
N LEU A 93 -4.12 6.89 -8.48
CA LEU A 93 -4.61 7.82 -7.49
C LEU A 93 -4.89 9.17 -8.20
N ILE A 94 -4.11 9.46 -9.24
CA ILE A 94 -4.28 10.70 -9.98
C ILE A 94 -5.63 10.68 -10.69
N VAL A 95 -5.94 9.54 -11.30
CA VAL A 95 -7.20 9.36 -11.98
C VAL A 95 -8.34 9.42 -10.96
N LYS A 96 -8.17 8.71 -9.84
CA LYS A 96 -9.20 8.69 -8.81
C LYS A 96 -9.49 10.08 -8.25
N ASN A 97 -8.44 10.84 -7.96
CA ASN A 97 -8.64 12.19 -7.44
C ASN A 97 -9.32 13.08 -8.45
N SER A 98 -8.98 12.93 -9.72
CA SER A 98 -9.61 13.78 -10.74
C SER A 98 -11.08 13.43 -10.87
N ALA A 99 -11.40 12.14 -10.71
CA ALA A 99 -12.79 11.71 -10.81
C ALA A 99 -13.57 12.29 -9.63
N THR A 100 -12.94 12.27 -8.45
CA THR A 100 -13.53 12.80 -7.22
C THR A 100 -13.72 14.31 -7.23
N TYR A 101 -12.74 15.02 -7.74
CA TYR A 101 -12.80 16.47 -7.76
C TYR A 101 -13.40 17.07 -9.02
N ASN A 102 -13.06 16.51 -10.18
CA ASN A 102 -13.54 17.06 -11.44
C ASN A 102 -14.73 16.30 -12.00
N GLY A 103 -14.86 15.03 -11.63
CA GLY A 103 -15.95 14.23 -12.11
C GLY A 103 -15.44 13.06 -12.94
N PRO A 104 -16.08 11.89 -12.83
CA PRO A 104 -15.71 10.68 -13.57
C PRO A 104 -15.60 10.86 -15.07
N LYS A 105 -16.34 11.83 -15.62
CA LYS A 105 -16.34 12.06 -17.05
C LYS A 105 -15.68 13.36 -17.47
N HIS A 106 -15.24 14.14 -16.50
CA HIS A 106 -14.60 15.42 -16.81
C HIS A 106 -13.45 15.20 -17.79
N SER A 107 -13.24 16.14 -18.70
CA SER A 107 -12.17 16.01 -19.68
C SER A 107 -10.83 15.77 -18.98
N LEU A 108 -10.64 16.37 -17.81
CA LEU A 108 -9.39 16.20 -17.07
C LEU A 108 -9.21 14.76 -16.61
N THR A 109 -10.30 14.14 -16.16
CA THR A 109 -10.23 12.77 -15.71
C THR A 109 -9.91 11.88 -16.90
N GLN A 110 -10.54 12.14 -18.03
CA GLN A 110 -10.27 11.35 -19.22
C GLN A 110 -8.79 11.47 -19.57
N ILE A 111 -8.24 12.68 -19.47
CA ILE A 111 -6.83 12.90 -19.76
C ILE A 111 -5.95 12.10 -18.80
N SER A 112 -6.26 12.16 -17.51
CA SER A 112 -5.48 11.42 -16.52
C SER A 112 -5.54 9.92 -16.85
N GLN A 113 -6.66 9.47 -17.37
CA GLN A 113 -6.82 8.07 -17.72
C GLN A 113 -5.92 7.70 -18.89
N SER A 114 -5.69 8.66 -19.79
CA SER A 114 -4.83 8.39 -20.93
C SER A 114 -3.42 8.11 -20.44
N MET A 115 -3.01 8.79 -19.36
CA MET A 115 -1.66 8.56 -18.82
C MET A 115 -1.62 7.13 -18.25
N LEU A 116 -2.69 6.75 -17.55
CA LEU A 116 -2.76 5.42 -16.95
C LEU A 116 -2.74 4.35 -18.03
N ASP A 117 -3.48 4.58 -19.12
CA ASP A 117 -3.51 3.61 -20.21
C ASP A 117 -2.13 3.44 -20.80
N LEU A 118 -1.44 4.56 -21.03
CA LEU A 118 -0.09 4.50 -21.59
C LEU A 118 0.82 3.73 -20.65
N CYS A 119 0.67 3.99 -19.35
CA CYS A 119 1.49 3.30 -18.35
C CYS A 119 1.31 1.79 -18.43
N ASP A 120 0.07 1.33 -18.56
CA ASP A 120 -0.20 -0.09 -18.62
C ASP A 120 0.35 -0.71 -19.89
N GLU A 121 0.25 0.02 -20.98
CA GLU A 121 0.78 -0.48 -22.24
C GLU A 121 2.29 -0.63 -22.13
N LYS A 122 2.93 0.32 -21.46
CA LYS A 122 4.38 0.27 -21.29
C LYS A 122 4.76 -0.92 -20.40
N LEU A 123 4.05 -1.06 -19.28
CA LEU A 123 4.30 -2.14 -18.34
C LEU A 123 4.16 -3.50 -19.03
N LYS A 124 3.11 -3.66 -19.82
CA LYS A 124 2.87 -4.92 -20.51
C LYS A 124 3.91 -5.14 -21.60
N GLU A 125 4.53 -4.05 -22.04
CA GLU A 125 5.54 -4.12 -23.08
C GLU A 125 6.86 -4.62 -22.51
N LYS A 126 7.15 -4.23 -21.28
CA LYS A 126 8.39 -4.64 -20.62
C LYS A 126 8.04 -5.70 -19.56
N GLU A 127 7.00 -6.46 -19.86
CA GLU A 127 6.50 -7.51 -18.99
C GLU A 127 7.58 -8.39 -18.36
N ASP A 128 8.24 -9.19 -19.18
CA ASP A 128 9.28 -10.11 -18.71
C ASP A 128 10.40 -9.42 -17.95
N LYS A 129 10.99 -8.39 -18.55
CA LYS A 129 12.08 -7.66 -17.91
C LYS A 129 11.67 -7.15 -16.53
N LEU A 130 10.42 -6.69 -16.42
CA LEU A 130 9.92 -6.19 -15.15
C LEU A 130 9.74 -7.33 -14.15
N ALA A 131 9.28 -8.48 -14.64
CA ALA A 131 9.07 -9.64 -13.78
C ALA A 131 10.37 -10.10 -13.12
N ARG A 132 11.44 -10.15 -13.90
CA ARG A 132 12.74 -10.57 -13.39
C ARG A 132 13.32 -9.59 -12.39
N LEU A 133 13.08 -8.31 -12.61
CA LEU A 133 13.58 -7.29 -11.69
C LEU A 133 12.84 -7.38 -10.36
N GLU A 134 11.52 -7.53 -10.42
CA GLU A 134 10.71 -7.62 -9.21
C GLU A 134 11.11 -8.87 -8.40
N LYS A 135 11.32 -9.98 -9.09
CA LYS A 135 11.71 -11.23 -8.44
C LYS A 135 13.10 -11.09 -7.82
N ALA A 136 14.00 -10.40 -8.52
CA ALA A 136 15.35 -10.21 -8.01
C ALA A 136 15.32 -9.32 -6.78
N ILE A 137 14.36 -8.40 -6.72
CA ILE A 137 14.24 -7.50 -5.58
C ILE A 137 13.65 -8.23 -4.38
N ASN A 138 12.72 -9.13 -4.65
CA ASN A 138 12.08 -9.88 -3.57
C ASN A 138 11.77 -11.29 -4.06
N PRO A 139 12.74 -12.21 -3.90
CA PRO A 139 12.58 -13.61 -4.33
C PRO A 139 11.33 -14.28 -3.77
N LEU A 140 10.88 -13.81 -2.60
CA LEU A 140 9.70 -14.38 -1.96
C LEU A 140 8.43 -14.23 -2.79
N LEU A 141 8.45 -13.33 -3.77
CA LEU A 141 7.27 -13.13 -4.63
C LEU A 141 6.88 -14.40 -5.35
N ASP A 142 7.84 -15.25 -5.64
CA ASP A 142 7.54 -16.47 -6.36
C ASP A 142 7.56 -17.68 -5.44
N ASP A 143 7.61 -17.44 -4.13
CA ASP A 143 7.64 -18.52 -3.15
C ASP A 143 6.24 -18.95 -2.71
N ASP A 144 5.91 -20.22 -2.90
CA ASP A 144 4.59 -20.72 -2.53
C ASP A 144 4.23 -20.55 -1.06
N ASP A 145 5.19 -20.70 -0.16
CA ASP A 145 4.86 -20.55 1.24
C ASP A 145 4.48 -19.11 1.55
N GLN A 146 5.22 -18.17 0.96
CA GLN A 146 4.92 -16.75 1.15
C GLN A 146 3.53 -16.50 0.57
N VAL A 147 3.23 -17.09 -0.57
CA VAL A 147 1.92 -16.88 -1.15
C VAL A 147 0.82 -17.53 -0.29
N ALA A 148 1.09 -18.70 0.28
CA ALA A 148 0.11 -19.36 1.12
C ALA A 148 -0.11 -18.55 2.39
N PHE A 149 0.98 -18.00 2.94
CA PHE A 149 0.90 -17.20 4.16
C PHE A 149 0.01 -15.99 3.90
N SER A 150 0.28 -15.26 2.82
CA SER A 150 -0.50 -14.09 2.46
C SER A 150 -1.97 -14.44 2.26
N PHE A 151 -2.21 -15.55 1.59
CA PHE A 151 -3.59 -15.95 1.34
C PHE A 151 -4.32 -16.16 2.66
N ILE A 152 -3.66 -16.76 3.64
CA ILE A 152 -4.34 -16.97 4.92
C ILE A 152 -4.64 -15.66 5.62
N LEU A 153 -3.66 -14.76 5.66
CA LEU A 153 -3.85 -13.46 6.30
C LEU A 153 -4.96 -12.67 5.65
N ASP A 154 -5.02 -12.75 4.32
CA ASP A 154 -6.04 -12.00 3.62
C ASP A 154 -7.43 -12.50 3.97
N ASN A 155 -7.52 -13.78 4.29
CA ASN A 155 -8.79 -14.36 4.67
C ASN A 155 -9.11 -13.97 6.11
N ILE A 156 -8.09 -13.72 6.92
CA ILE A 156 -8.37 -13.31 8.28
C ILE A 156 -9.01 -11.93 8.20
N VAL A 157 -8.50 -11.11 7.29
CA VAL A 157 -9.04 -9.76 7.14
C VAL A 157 -10.46 -9.75 6.52
N THR A 158 -10.65 -10.47 5.43
CA THR A 158 -11.94 -10.47 4.77
C THR A 158 -12.98 -11.35 5.47
N GLN A 159 -12.57 -12.50 5.98
CA GLN A 159 -13.51 -13.41 6.62
C GLN A 159 -13.83 -13.03 8.07
N LYS A 160 -12.83 -12.58 8.81
CA LYS A 160 -13.01 -12.28 10.22
C LYS A 160 -13.07 -10.82 10.62
N MET A 161 -12.01 -10.08 10.33
CA MET A 161 -11.95 -8.68 10.69
C MET A 161 -13.01 -7.79 10.01
N MET A 162 -13.21 -7.91 8.70
CA MET A 162 -14.21 -7.09 8.02
C MET A 162 -15.62 -7.47 8.37
N ALA A 163 -15.78 -8.62 9.03
CA ALA A 163 -17.10 -9.11 9.41
C ALA A 163 -17.59 -8.50 10.73
N VAL A 164 -16.70 -7.85 11.47
CA VAL A 164 -17.10 -7.25 12.73
C VAL A 164 -18.17 -6.19 12.51
N PRO A 165 -19.20 -6.17 13.37
CA PRO A 165 -20.30 -5.20 13.28
C PRO A 165 -19.84 -3.76 13.35
N ASP A 166 -20.37 -2.93 12.45
CA ASP A 166 -20.06 -1.52 12.39
C ASP A 166 -18.62 -1.21 12.06
N SER A 167 -17.90 -2.21 11.56
CA SER A 167 -16.49 -2.02 11.24
C SER A 167 -16.18 -1.21 9.99
N TRP A 168 -17.19 -0.87 9.19
CA TRP A 168 -16.94 -0.14 7.95
C TRP A 168 -15.99 1.04 8.00
N PRO A 169 -16.11 1.91 9.02
CA PRO A 169 -15.19 3.05 9.07
C PRO A 169 -13.71 2.64 9.04
N PHE A 170 -13.41 1.40 9.40
CA PHE A 170 -12.01 0.94 9.37
C PHE A 170 -11.63 0.11 8.13
N HIS A 171 -12.56 -0.05 7.19
CA HIS A 171 -12.32 -0.81 5.98
C HIS A 171 -11.49 -0.08 4.95
N HIS A 172 -11.58 1.25 4.94
CA HIS A 172 -10.85 2.07 3.98
C HIS A 172 -10.22 3.29 4.65
N PRO A 173 -9.28 3.96 3.95
CA PRO A 173 -8.67 5.14 4.56
C PRO A 173 -9.77 6.12 4.97
N VAL A 174 -9.59 6.82 6.09
CA VAL A 174 -10.58 7.77 6.54
C VAL A 174 -10.70 8.84 5.46
N ASN A 175 -11.93 9.19 5.12
CA ASN A 175 -12.15 10.18 4.09
C ASN A 175 -12.08 11.58 4.69
N LYS A 176 -11.06 12.35 4.30
CA LYS A 176 -10.88 13.70 4.82
C LYS A 176 -12.11 14.59 4.67
N LYS A 177 -12.87 14.38 3.60
CA LYS A 177 -14.06 15.19 3.39
C LYS A 177 -15.02 15.09 4.58
N PHE A 178 -15.18 13.90 5.16
CA PHE A 178 -16.10 13.74 6.29
C PHE A 178 -15.48 13.88 7.66
N VAL A 179 -14.16 13.75 7.75
CA VAL A 179 -13.45 13.86 9.02
C VAL A 179 -12.27 14.77 8.68
N PRO A 180 -12.56 16.07 8.52
CA PRO A 180 -11.61 17.14 8.17
C PRO A 180 -10.29 17.24 8.89
N ASP A 181 -10.28 16.96 10.19
CA ASP A 181 -9.05 17.07 10.96
C ASP A 181 -8.37 15.73 11.22
N TYR A 182 -8.90 14.65 10.65
CA TYR A 182 -8.33 13.33 10.92
C TYR A 182 -6.85 13.21 10.70
N TYR A 183 -6.39 13.64 9.53
CA TYR A 183 -4.99 13.51 9.22
C TYR A 183 -4.09 14.51 9.93
N LYS A 184 -4.68 15.47 10.61
CA LYS A 184 -3.87 16.41 11.37
C LYS A 184 -3.55 15.79 12.72
N VAL A 185 -4.33 14.78 13.10
CA VAL A 185 -4.13 14.10 14.38
C VAL A 185 -3.43 12.76 14.22
N ILE A 186 -3.76 12.06 13.13
CA ILE A 186 -3.19 10.74 12.84
C ILE A 186 -2.14 10.82 11.74
N VAL A 187 -0.88 10.72 12.13
CA VAL A 187 0.21 10.81 11.17
C VAL A 187 0.52 9.46 10.52
N ASN A 188 0.02 8.38 11.11
CA ASN A 188 0.24 7.03 10.59
C ASN A 188 -1.05 6.31 10.28
N PRO A 189 -1.81 6.81 9.30
CA PRO A 189 -3.08 6.19 8.93
C PRO A 189 -2.92 4.71 8.57
N MET A 190 -3.93 3.92 8.89
CA MET A 190 -3.97 2.51 8.54
C MET A 190 -5.43 2.11 8.52
N ASP A 191 -5.74 1.13 7.69
CA ASP A 191 -7.10 0.66 7.53
C ASP A 191 -7.01 -0.73 6.91
N LEU A 192 -8.10 -1.49 6.94
CA LEU A 192 -8.12 -2.84 6.41
C LEU A 192 -7.81 -2.98 4.91
N GLU A 193 -8.25 -2.02 4.09
CA GLU A 193 -7.99 -2.07 2.64
C GLU A 193 -6.49 -1.94 2.39
N THR A 194 -5.87 -0.98 3.06
CA THR A 194 -4.44 -0.80 2.90
C THR A 194 -3.71 -2.06 3.32
N ILE A 195 -4.19 -2.72 4.37
CA ILE A 195 -3.53 -3.95 4.81
C ILE A 195 -3.70 -5.03 3.76
N ARG A 196 -4.89 -5.11 3.14
CA ARG A 196 -5.11 -6.10 2.10
C ARG A 196 -4.22 -5.85 0.90
N LYS A 197 -4.00 -4.58 0.56
CA LYS A 197 -3.15 -4.29 -0.58
C LYS A 197 -1.72 -4.67 -0.26
N ASN A 198 -1.35 -4.56 1.02
CA ASN A 198 0.00 -4.95 1.42
C ASN A 198 0.10 -6.49 1.34
N ILE A 199 -0.97 -7.17 1.75
CA ILE A 199 -0.99 -8.63 1.68
C ILE A 199 -0.86 -9.09 0.22
N SER A 200 -1.57 -8.43 -0.69
CA SER A 200 -1.51 -8.76 -2.11
C SER A 200 -0.08 -8.65 -2.64
N LYS A 201 0.71 -7.75 -2.07
CA LYS A 201 2.09 -7.54 -2.48
C LYS A 201 3.07 -8.30 -1.61
N HIS A 202 2.55 -9.19 -0.77
CA HIS A 202 3.35 -10.02 0.13
C HIS A 202 4.27 -9.24 1.04
N LYS A 203 3.75 -8.19 1.65
CA LYS A 203 4.54 -7.37 2.56
C LYS A 203 4.88 -8.09 3.86
N TYR A 204 3.98 -8.95 4.32
CA TYR A 204 4.18 -9.63 5.58
C TYR A 204 4.73 -11.04 5.48
N GLN A 205 5.83 -11.29 6.20
CA GLN A 205 6.44 -12.62 6.22
C GLN A 205 6.23 -13.27 7.56
N SER A 206 5.49 -12.59 8.44
CA SER A 206 5.24 -13.16 9.75
C SER A 206 4.06 -12.43 10.38
N ARG A 207 3.50 -13.03 11.41
CA ARG A 207 2.38 -12.46 12.12
C ARG A 207 2.74 -11.11 12.72
N GLU A 208 3.94 -11.00 13.27
CA GLU A 208 4.40 -9.76 13.90
C GLU A 208 4.29 -8.55 12.98
N SER A 209 4.81 -8.69 11.76
CA SER A 209 4.78 -7.60 10.79
C SER A 209 3.35 -7.24 10.44
N PHE A 210 2.52 -8.28 10.36
CA PHE A 210 1.10 -8.12 10.05
C PHE A 210 0.45 -7.37 11.20
N LEU A 211 0.75 -7.78 12.42
CA LEU A 211 0.14 -7.11 13.57
C LEU A 211 0.60 -5.67 13.77
N ASP A 212 1.78 -5.32 13.28
CA ASP A 212 2.23 -3.94 13.43
C ASP A 212 1.26 -2.99 12.71
N ASP A 213 0.65 -3.46 11.61
CA ASP A 213 -0.30 -2.62 10.90
C ASP A 213 -1.69 -2.78 11.51
N VAL A 214 -2.05 -4.01 11.88
CA VAL A 214 -3.36 -4.26 12.47
C VAL A 214 -3.54 -3.41 13.72
N ASN A 215 -2.51 -3.41 14.57
CA ASN A 215 -2.55 -2.64 15.83
C ASN A 215 -2.75 -1.14 15.63
N LEU A 216 -2.18 -0.61 14.56
CA LEU A 216 -2.30 0.82 14.26
C LEU A 216 -3.75 1.26 14.15
N ILE A 217 -4.59 0.35 13.66
CA ILE A 217 -6.00 0.66 13.49
C ILE A 217 -6.64 0.98 14.84
N LEU A 218 -6.34 0.14 15.84
CA LEU A 218 -6.88 0.36 17.17
C LEU A 218 -6.19 1.57 17.80
N ALA A 219 -4.86 1.63 17.69
CA ALA A 219 -4.12 2.74 18.28
C ALA A 219 -4.60 4.08 17.75
N ASN A 220 -4.79 4.16 16.44
CA ASN A 220 -5.24 5.40 15.82
C ASN A 220 -6.62 5.79 16.28
N SER A 221 -7.48 4.80 16.45
CA SER A 221 -8.84 5.08 16.91
C SER A 221 -8.79 5.61 18.34
N VAL A 222 -7.95 4.98 19.16
CA VAL A 222 -7.82 5.44 20.54
C VAL A 222 -7.37 6.91 20.54
N LYS A 223 -6.39 7.22 19.69
CA LYS A 223 -5.85 8.57 19.58
C LYS A 223 -6.81 9.62 19.03
N TYR A 224 -7.52 9.30 17.95
CA TYR A 224 -8.42 10.27 17.38
C TYR A 224 -9.82 10.27 18.01
N ASN A 225 -10.38 9.08 18.25
CA ASN A 225 -11.73 8.98 18.80
C ASN A 225 -11.81 8.95 20.32
N GLY A 226 -10.77 8.45 20.97
CA GLY A 226 -10.78 8.40 22.42
C GLY A 226 -10.89 6.95 22.88
N PRO A 227 -10.37 6.64 24.08
CA PRO A 227 -10.39 5.29 24.65
C PRO A 227 -11.78 4.69 24.82
N GLU A 228 -12.75 5.55 25.10
CA GLU A 228 -14.11 5.11 25.34
C GLU A 228 -15.06 5.29 24.17
N SER A 229 -14.53 5.76 23.05
CA SER A 229 -15.36 5.96 21.87
C SER A 229 -15.97 4.66 21.35
N GLN A 230 -17.17 4.78 20.81
CA GLN A 230 -17.86 3.64 20.24
C GLN A 230 -16.99 3.09 19.09
N TYR A 231 -16.33 4.00 18.38
CA TYR A 231 -15.48 3.61 17.26
C TYR A 231 -14.27 2.82 17.73
N THR A 232 -13.76 3.16 18.91
CA THR A 232 -12.62 2.44 19.45
C THR A 232 -13.08 1.08 19.91
N LYS A 233 -14.25 1.00 20.51
CA LYS A 233 -14.74 -0.30 20.95
C LYS A 233 -14.84 -1.21 19.73
N THR A 234 -15.24 -0.66 18.58
CA THR A 234 -15.33 -1.49 17.38
C THR A 234 -13.92 -1.87 16.93
N ALA A 235 -13.00 -0.90 16.90
CA ALA A 235 -11.65 -1.25 16.49
C ALA A 235 -11.07 -2.31 17.43
N GLN A 236 -11.38 -2.21 18.72
CA GLN A 236 -10.86 -3.19 19.68
C GLN A 236 -11.33 -4.58 19.29
N GLU A 237 -12.58 -4.67 18.88
CA GLU A 237 -13.14 -5.96 18.48
C GLU A 237 -12.47 -6.50 17.20
N ILE A 238 -12.11 -5.60 16.29
CA ILE A 238 -11.46 -5.99 15.04
C ILE A 238 -10.10 -6.65 15.37
N VAL A 239 -9.36 -6.05 16.27
CA VAL A 239 -8.08 -6.56 16.69
C VAL A 239 -8.27 -7.88 17.43
N ASN A 240 -9.21 -7.89 18.38
CA ASN A 240 -9.48 -9.10 19.15
C ASN A 240 -9.85 -10.28 18.26
N VAL A 241 -10.66 -10.05 17.24
CA VAL A 241 -11.06 -11.13 16.34
C VAL A 241 -9.85 -11.59 15.54
N CYS A 242 -8.97 -10.67 15.22
CA CYS A 242 -7.77 -11.01 14.47
C CYS A 242 -6.85 -11.88 15.35
N TYR A 243 -6.63 -11.47 16.59
CA TYR A 243 -5.79 -12.23 17.53
C TYR A 243 -6.33 -13.64 17.78
N GLN A 244 -7.62 -13.73 18.02
CA GLN A 244 -8.25 -15.00 18.29
C GLN A 244 -8.06 -15.93 17.10
N THR A 245 -8.25 -15.40 15.90
CA THR A 245 -8.10 -16.21 14.72
C THR A 245 -6.65 -16.63 14.52
N LEU A 246 -5.71 -15.76 14.90
CA LEU A 246 -4.31 -16.13 14.76
C LEU A 246 -3.95 -17.34 15.61
N THR A 247 -4.52 -17.43 16.81
CA THR A 247 -4.22 -18.57 17.68
C THR A 247 -4.83 -19.84 17.09
N GLU A 248 -5.98 -19.70 16.43
CA GLU A 248 -6.63 -20.84 15.81
C GLU A 248 -5.80 -21.40 14.67
N TYR A 249 -5.09 -20.52 13.95
CA TYR A 249 -4.27 -20.94 12.80
C TYR A 249 -2.80 -21.05 13.18
N ASP A 250 -2.53 -21.06 14.48
CA ASP A 250 -1.17 -21.11 14.99
C ASP A 250 -0.30 -22.21 14.37
N GLU A 251 -0.83 -23.42 14.29
CA GLU A 251 -0.09 -24.52 13.73
C GLU A 251 0.29 -24.27 12.27
N HIS A 252 -0.68 -23.94 11.43
CA HIS A 252 -0.40 -23.68 10.02
C HIS A 252 0.54 -22.49 9.82
N LEU A 253 0.27 -21.41 10.54
CA LEU A 253 1.06 -20.19 10.41
C LEU A 253 2.50 -20.33 10.91
N THR A 254 2.69 -21.09 11.97
CA THR A 254 4.03 -21.32 12.53
C THR A 254 4.86 -22.05 11.47
N GLN A 255 4.29 -23.09 10.88
CA GLN A 255 4.99 -23.84 9.86
C GLN A 255 5.33 -22.95 8.68
N LEU A 256 4.38 -22.15 8.23
CA LEU A 256 4.63 -21.26 7.09
C LEU A 256 5.69 -20.24 7.45
N GLU A 257 5.63 -19.70 8.66
CA GLU A 257 6.63 -18.72 9.07
C GLU A 257 8.03 -19.33 9.01
N LYS A 258 8.17 -20.59 9.44
CA LYS A 258 9.48 -21.24 9.42
C LYS A 258 9.97 -21.44 7.98
N ASP A 259 9.08 -21.89 7.10
CA ASP A 259 9.44 -22.09 5.71
C ASP A 259 9.81 -20.78 5.01
N ILE A 260 9.03 -19.74 5.29
CA ILE A 260 9.30 -18.44 4.70
C ILE A 260 10.65 -17.97 5.21
N CYS A 261 10.92 -18.22 6.48
CA CYS A 261 12.18 -17.84 7.09
C CYS A 261 13.32 -18.55 6.36
N THR A 262 13.13 -19.83 6.08
CA THR A 262 14.13 -20.61 5.38
C THR A 262 14.29 -20.09 3.95
N ALA A 263 13.17 -19.76 3.32
CA ALA A 263 13.20 -19.24 1.97
C ALA A 263 13.82 -17.83 1.97
N LYS A 264 13.55 -17.07 3.02
CA LYS A 264 14.07 -15.72 3.15
C LYS A 264 15.58 -15.78 3.25
N GLU A 265 16.07 -16.73 4.05
CA GLU A 265 17.50 -16.92 4.23
C GLU A 265 18.17 -17.36 2.94
N ALA A 266 17.55 -18.30 2.25
CA ALA A 266 18.10 -18.81 0.99
C ALA A 266 18.13 -17.72 -0.07
N ALA A 267 17.20 -16.77 0.01
CA ALA A 267 17.14 -15.67 -0.94
C ALA A 267 18.38 -14.80 -0.86
S SO4 B . -18.16 8.67 20.71
O1 SO4 B . -18.35 8.47 19.26
O2 SO4 B . -16.74 8.92 20.96
O3 SO4 B . -18.62 7.47 21.42
O4 SO4 B . -18.94 9.82 21.16
#